data_2XS5
#
_entry.id   2XS5
#
_cell.length_a   75.605
_cell.length_b   77.538
_cell.length_c   37.695
_cell.angle_alpha   90.00
_cell.angle_beta   90.00
_cell.angle_gamma   90.00
#
_symmetry.space_group_name_H-M   'P 21 21 2'
#
loop_
_entity.id
_entity.type
_entity.pdbx_description
1 polymer 'DELETED IN AZOOSPERMIA-LIKE'
2 polymer "5'-R(*UP*GP*UP*UP*CP)-3'"
3 non-polymer DI(HYDROXYETHYL)ETHER
4 water water
#
loop_
_entity_poly.entity_id
_entity_poly.type
_entity_poly.pdbx_seq_one_letter_code
_entity_poly.pdbx_strand_id
1 'polypeptide(L)'
;SLPEGKIMPNTVFVGGIDVRMDETEIRSFFARYGSVKEVKIITDRTGVSKGYGFVSFYNDVDVQKIVESQINFHGKKLKL
GPAIRKQ
;
A,B
2 'polyribonucleotide' UGUUC C,D
#
loop_
_chem_comp.id
_chem_comp.type
_chem_comp.name
_chem_comp.formula
C RNA linking CYTIDINE-5'-MONOPHOSPHATE 'C9 H14 N3 O8 P'
G RNA linking GUANOSINE-5'-MONOPHOSPHATE 'C10 H14 N5 O8 P'
PEG non-polymer DI(HYDROXYETHYL)ETHER 'C4 H10 O3'
U RNA linking URIDINE-5'-MONOPHOSPHATE 'C9 H13 N2 O9 P'
#
# COMPACT_ATOMS: atom_id res chain seq x y z
N GLY A 5 9.62 -0.09 -22.13
CA GLY A 5 9.45 0.11 -20.65
C GLY A 5 10.72 0.68 -20.02
N LYS A 6 10.56 1.50 -18.96
CA LYS A 6 11.68 2.15 -18.29
C LYS A 6 12.08 1.37 -17.04
N ILE A 7 13.38 1.17 -16.82
CA ILE A 7 13.84 0.46 -15.61
C ILE A 7 13.94 1.49 -14.47
N MET A 8 13.24 1.22 -13.38
CA MET A 8 13.13 2.15 -12.24
C MET A 8 14.32 1.93 -11.32
N PRO A 9 15.13 2.96 -11.10
CA PRO A 9 16.31 2.69 -10.23
C PRO A 9 15.94 2.37 -8.77
N ASN A 10 16.77 1.57 -8.10
CA ASN A 10 16.61 1.33 -6.65
C ASN A 10 15.24 0.76 -6.24
N THR A 11 14.65 0.02 -7.16
CA THR A 11 13.35 -0.57 -6.96
C THR A 11 13.42 -2.04 -7.39
N VAL A 12 12.72 -2.93 -6.67
CA VAL A 12 12.74 -4.33 -6.99
C VAL A 12 11.27 -4.76 -7.20
N PHE A 13 10.99 -5.47 -8.28
CA PHE A 13 9.73 -6.24 -8.41
C PHE A 13 9.80 -7.49 -7.54
N VAL A 14 8.72 -7.70 -6.80
CA VAL A 14 8.56 -8.85 -5.91
C VAL A 14 7.22 -9.56 -6.23
N GLY A 15 7.32 -10.73 -6.84
CA GLY A 15 6.14 -11.67 -6.98
C GLY A 15 6.14 -12.88 -6.07
N GLY A 16 5.05 -13.61 -6.09
CA GLY A 16 4.87 -14.76 -5.19
C GLY A 16 4.68 -14.34 -3.73
N ILE A 17 4.02 -13.20 -3.54
CA ILE A 17 3.79 -12.69 -2.20
C ILE A 17 2.50 -13.30 -1.69
N ASP A 18 2.62 -14.12 -0.64
CA ASP A 18 1.51 -14.75 -0.03
C ASP A 18 0.64 -13.66 0.63
N VAL A 19 -0.67 -13.87 0.67
CA VAL A 19 -1.55 -12.85 1.24
C VAL A 19 -1.30 -12.59 2.74
N ARG A 20 -0.64 -13.51 3.44
CA ARG A 20 -0.22 -13.27 4.82
C ARG A 20 1.07 -12.45 4.96
N MET A 21 1.84 -12.34 3.87
CA MET A 21 3.08 -11.61 3.91
CA MET A 21 3.10 -11.62 3.86
C MET A 21 2.82 -10.12 3.79
N ASP A 22 2.69 -9.48 4.94
CA ASP A 22 2.33 -8.07 5.06
C ASP A 22 3.55 -7.15 4.96
N GLU A 23 3.31 -5.84 5.10
CA GLU A 23 4.35 -4.87 4.83
C GLU A 23 5.51 -4.98 5.81
N THR A 24 5.18 -5.23 7.07
CA THR A 24 6.19 -5.37 8.10
CA THR A 24 6.22 -5.36 8.08
C THR A 24 7.14 -6.52 7.72
N GLU A 25 6.55 -7.63 7.28
CA GLU A 25 7.37 -8.80 6.96
C GLU A 25 8.23 -8.54 5.71
N ILE A 26 7.64 -7.83 4.73
CA ILE A 26 8.38 -7.48 3.51
C ILE A 26 9.56 -6.57 3.86
N ARG A 27 9.28 -5.56 4.70
CA ARG A 27 10.35 -4.69 5.13
C ARG A 27 11.41 -5.40 5.94
N SER A 28 11.00 -6.39 6.76
CA SER A 28 11.94 -7.13 7.58
CA SER A 28 11.98 -7.07 7.57
C SER A 28 13.01 -7.75 6.70
N PHE A 29 12.58 -8.28 5.56
CA PHE A 29 13.58 -8.87 4.67
C PHE A 29 14.39 -7.82 3.96
N PHE A 30 13.71 -6.93 3.25
CA PHE A 30 14.40 -5.97 2.38
C PHE A 30 15.25 -4.94 3.12
N ALA A 31 14.98 -4.75 4.41
CA ALA A 31 15.77 -3.77 5.18
C ALA A 31 17.25 -4.17 5.27
N ARG A 32 17.56 -5.41 4.90
CA ARG A 32 18.96 -5.85 4.99
C ARG A 32 19.77 -5.16 3.91
N TYR A 33 19.08 -4.62 2.91
CA TYR A 33 19.73 -3.95 1.78
C TYR A 33 19.69 -2.46 1.88
N GLY A 34 18.90 -1.90 2.79
CA GLY A 34 18.78 -0.45 2.85
C GLY A 34 17.56 0.04 3.57
N SER A 35 17.31 1.33 3.42
CA SER A 35 16.19 1.97 4.06
C SER A 35 15.06 1.91 3.02
N VAL A 36 14.04 1.12 3.33
CA VAL A 36 12.86 1.01 2.41
C VAL A 36 12.04 2.33 2.40
N LYS A 37 11.82 2.87 1.21
CA LYS A 37 11.02 4.07 1.00
C LYS A 37 9.56 3.75 0.77
N GLU A 38 9.27 2.65 0.06
CA GLU A 38 7.89 2.33 -0.30
C GLU A 38 7.78 0.87 -0.54
N VAL A 39 6.70 0.27 -0.03
CA VAL A 39 6.25 -1.02 -0.45
C VAL A 39 4.87 -0.82 -1.05
N LYS A 40 4.75 -1.20 -2.33
CA LYS A 40 3.46 -1.06 -3.01
C LYS A 40 3.01 -2.45 -3.49
N ILE A 41 1.95 -2.99 -2.91
CA ILE A 41 1.39 -4.25 -3.34
C ILE A 41 0.27 -3.92 -4.33
N ILE A 42 0.30 -4.57 -5.48
CA ILE A 42 -0.69 -4.28 -6.52
C ILE A 42 -1.92 -5.12 -6.25
N THR A 43 -3.08 -4.46 -6.30
CA THR A 43 -4.35 -5.14 -6.01
C THR A 43 -5.28 -5.00 -7.21
N ASP A 44 -6.32 -5.82 -7.26
CA ASP A 44 -7.32 -5.64 -8.32
C ASP A 44 -8.35 -4.62 -7.86
N ARG A 45 -9.37 -4.42 -8.68
CA ARG A 45 -10.32 -3.36 -8.37
CA ARG A 45 -10.39 -3.41 -8.41
C ARG A 45 -11.17 -3.62 -7.12
N THR A 46 -11.17 -4.84 -6.61
CA THR A 46 -11.88 -5.06 -5.34
C THR A 46 -10.92 -5.04 -4.13
N GLY A 47 -9.64 -4.80 -4.38
CA GLY A 47 -8.65 -4.71 -3.29
C GLY A 47 -7.93 -6.01 -2.97
N VAL A 48 -8.20 -7.06 -3.76
CA VAL A 48 -7.57 -8.37 -3.58
C VAL A 48 -6.16 -8.28 -4.17
N SER A 49 -5.16 -8.66 -3.37
CA SER A 49 -3.77 -8.64 -3.87
C SER A 49 -3.62 -9.48 -5.14
N LYS A 50 -2.82 -8.98 -6.08
CA LYS A 50 -2.46 -9.73 -7.27
C LYS A 50 -1.21 -10.56 -7.05
N GLY A 51 -0.64 -10.45 -5.85
CA GLY A 51 0.46 -11.35 -5.44
C GLY A 51 1.82 -10.84 -5.84
N TYR A 52 1.86 -9.60 -6.30
CA TYR A 52 3.14 -8.95 -6.55
C TYR A 52 3.12 -7.49 -6.17
N GLY A 53 4.32 -6.91 -6.12
CA GLY A 53 4.46 -5.52 -5.71
C GLY A 53 5.88 -5.02 -5.94
N PHE A 54 6.14 -3.84 -5.40
CA PHE A 54 7.37 -3.11 -5.68
C PHE A 54 7.94 -2.57 -4.40
N VAL A 55 9.24 -2.79 -4.21
CA VAL A 55 9.91 -2.30 -3.03
C VAL A 55 10.95 -1.31 -3.51
N SER A 56 10.94 -0.10 -2.95
CA SER A 56 11.96 0.87 -3.36
CA SER A 56 11.87 0.98 -3.35
C SER A 56 12.72 1.35 -2.17
N PHE A 57 13.93 1.82 -2.44
CA PHE A 57 14.87 2.27 -1.37
C PHE A 57 15.28 3.72 -1.47
N TYR A 58 15.57 4.35 -0.32
CA TYR A 58 16.19 5.67 -0.30
C TYR A 58 17.67 5.66 -0.71
N ASN A 59 18.37 4.61 -0.29
CA ASN A 59 19.78 4.48 -0.64
C ASN A 59 19.97 3.80 -2.02
N ASP A 60 21.16 3.95 -2.56
CA ASP A 60 21.49 3.19 -3.78
C ASP A 60 21.72 1.76 -3.42
N VAL A 61 21.00 0.88 -4.11
CA VAL A 61 21.15 -0.55 -3.94
C VAL A 61 21.60 -1.17 -5.25
N ASP A 62 22.19 -2.36 -5.18
CA ASP A 62 22.53 -3.13 -6.36
C ASP A 62 21.36 -4.09 -6.64
N VAL A 63 20.45 -3.66 -7.51
CA VAL A 63 19.25 -4.45 -7.80
C VAL A 63 19.62 -5.85 -8.38
N GLN A 64 20.65 -5.91 -9.21
CA GLN A 64 21.06 -7.18 -9.81
C GLN A 64 21.50 -8.17 -8.75
N LYS A 65 22.12 -7.68 -7.68
CA LYS A 65 22.47 -8.53 -6.55
CA LYS A 65 22.45 -8.56 -6.60
C LYS A 65 21.26 -8.93 -5.74
N ILE A 66 20.38 -7.96 -5.42
CA ILE A 66 19.20 -8.27 -4.63
C ILE A 66 18.35 -9.36 -5.30
N VAL A 67 18.19 -9.26 -6.62
CA VAL A 67 17.30 -10.23 -7.29
C VAL A 67 17.82 -11.69 -7.31
N GLU A 68 19.09 -11.86 -6.93
CA GLU A 68 19.71 -13.19 -6.83
C GLU A 68 19.27 -13.93 -5.57
N SER A 69 18.66 -13.19 -4.64
CA SER A 69 18.31 -13.75 -3.34
CA SER A 69 18.30 -13.73 -3.33
C SER A 69 17.36 -14.93 -3.43
N GLN A 70 17.75 -16.03 -2.79
CA GLN A 70 16.89 -17.21 -2.79
C GLN A 70 16.17 -17.22 -1.44
N ILE A 71 14.88 -16.90 -1.44
CA ILE A 71 14.18 -16.74 -0.18
C ILE A 71 12.70 -17.10 -0.27
N ASN A 72 12.24 -17.77 0.79
CA ASN A 72 10.89 -18.32 0.86
CA ASN A 72 10.91 -18.33 0.86
C ASN A 72 10.15 -17.79 2.08
N PHE A 73 8.90 -17.38 1.86
CA PHE A 73 8.04 -16.85 2.93
C PHE A 73 6.67 -17.49 2.83
N HIS A 74 6.19 -18.09 3.92
CA HIS A 74 4.88 -18.73 3.94
C HIS A 74 4.79 -19.82 2.87
N GLY A 75 5.93 -20.46 2.61
CA GLY A 75 5.96 -21.61 1.71
C GLY A 75 5.95 -21.24 0.25
N LYS A 76 6.22 -19.97 -0.06
CA LYS A 76 6.34 -19.51 -1.45
C LYS A 76 7.70 -18.85 -1.63
N LYS A 77 8.43 -19.27 -2.65
CA LYS A 77 9.69 -18.62 -3.01
C LYS A 77 9.41 -17.27 -3.69
N LEU A 78 10.06 -16.20 -3.24
CA LEU A 78 9.83 -14.88 -3.87
C LEU A 78 10.39 -14.85 -5.29
N LYS A 79 9.60 -14.28 -6.19
CA LYS A 79 10.00 -14.07 -7.57
C LYS A 79 10.48 -12.64 -7.77
N LEU A 80 11.80 -12.44 -7.89
CA LEU A 80 12.36 -11.08 -7.93
C LEU A 80 12.79 -10.67 -9.34
N GLY A 81 12.72 -9.38 -9.64
CA GLY A 81 13.27 -8.87 -10.87
C GLY A 81 13.50 -7.39 -10.78
N PRO A 82 14.26 -6.82 -11.71
CA PRO A 82 14.26 -5.40 -11.81
C PRO A 82 12.84 -4.88 -12.04
N ALA A 83 12.60 -3.65 -11.61
CA ALA A 83 11.28 -3.04 -11.72
C ALA A 83 11.19 -2.29 -13.02
N ILE A 84 10.14 -2.54 -13.82
CA ILE A 84 10.00 -1.89 -15.15
C ILE A 84 8.61 -1.24 -15.17
N ARG A 85 8.55 0.05 -15.52
CA ARG A 85 7.28 0.71 -15.78
C ARG A 85 6.99 0.67 -17.25
N LYS A 86 5.95 -0.07 -17.66
CA LYS A 86 5.61 -0.19 -19.09
C LYS A 86 5.04 1.13 -19.57
N GLN A 87 5.25 1.43 -20.85
N GLU B 4 -0.27 27.62 2.23
CA GLU B 4 -1.06 26.58 2.95
C GLU B 4 -0.93 25.21 2.27
N GLY B 5 -1.25 24.15 3.01
CA GLY B 5 -1.39 22.82 2.43
C GLY B 5 -2.44 22.82 1.31
N LYS B 6 -2.37 21.83 0.43
CA LYS B 6 -3.24 21.80 -0.76
C LYS B 6 -4.29 20.73 -0.56
N ILE B 7 -5.55 21.06 -0.84
CA ILE B 7 -6.64 20.06 -0.74
C ILE B 7 -6.60 19.17 -1.99
N MET B 8 -6.59 17.85 -1.79
CA MET B 8 -6.45 16.89 -2.89
C MET B 8 -7.85 16.51 -3.39
N PRO B 9 -8.14 16.78 -4.67
CA PRO B 9 -9.48 16.51 -5.19
C PRO B 9 -9.80 15.01 -5.15
N ASN B 10 -11.09 14.71 -4.97
CA ASN B 10 -11.58 13.33 -5.03
C ASN B 10 -10.83 12.35 -4.13
N THR B 11 -10.33 12.85 -2.99
CA THR B 11 -9.61 12.02 -2.06
C THR B 11 -10.18 12.25 -0.66
N VAL B 12 -10.24 11.20 0.14
CA VAL B 12 -10.78 11.32 1.48
C VAL B 12 -9.70 10.82 2.44
N PHE B 13 -9.45 11.59 3.50
CA PHE B 13 -8.70 11.10 4.66
C PHE B 13 -9.56 10.19 5.54
N VAL B 14 -9.03 9.03 5.87
CA VAL B 14 -9.68 8.06 6.77
C VAL B 14 -8.75 7.80 7.95
N GLY B 15 -9.21 8.13 9.15
CA GLY B 15 -8.44 7.91 10.38
C GLY B 15 -9.12 6.92 11.33
N GLY B 16 -8.37 6.48 12.32
CA GLY B 16 -8.85 5.47 13.28
C GLY B 16 -9.06 4.10 12.64
N ILE B 17 -8.20 3.75 11.68
CA ILE B 17 -8.26 2.45 10.98
C ILE B 17 -7.56 1.36 11.79
N ASP B 18 -8.31 0.29 12.10
CA ASP B 18 -7.79 -0.88 12.82
C ASP B 18 -6.69 -1.53 11.98
N VAL B 19 -5.61 -1.98 12.65
CA VAL B 19 -4.51 -2.68 11.97
C VAL B 19 -4.99 -3.87 11.14
N ARG B 20 -6.12 -4.46 11.56
CA ARG B 20 -6.63 -5.62 10.87
C ARG B 20 -7.66 -5.29 9.79
N MET B 21 -8.00 -4.01 9.62
CA MET B 21 -8.90 -3.65 8.52
C MET B 21 -8.12 -3.72 7.18
N ASP B 22 -8.63 -4.49 6.21
CA ASP B 22 -7.88 -4.75 4.96
C ASP B 22 -8.39 -3.84 3.82
N GLU B 23 -7.74 -3.90 2.66
CA GLU B 23 -8.09 -3.00 1.57
C GLU B 23 -9.47 -3.31 1.02
N THR B 24 -9.83 -4.60 0.96
CA THR B 24 -11.14 -4.99 0.40
C THR B 24 -12.24 -4.39 1.28
N GLU B 25 -12.04 -4.48 2.60
CA GLU B 25 -12.98 -3.92 3.57
C GLU B 25 -13.13 -2.41 3.38
N ILE B 26 -12.02 -1.71 3.25
CA ILE B 26 -12.09 -0.24 3.03
C ILE B 26 -12.77 0.09 1.70
N ARG B 27 -12.34 -0.60 0.66
CA ARG B 27 -13.08 -0.47 -0.60
C ARG B 27 -14.57 -0.77 -0.51
N SER B 28 -14.98 -1.76 0.27
CA SER B 28 -16.41 -2.11 0.37
CA SER B 28 -16.41 -2.08 0.33
C SER B 28 -17.23 -0.96 0.92
N PHE B 29 -16.66 -0.23 1.88
CA PHE B 29 -17.33 0.97 2.42
C PHE B 29 -17.42 2.12 1.39
N PHE B 30 -16.38 2.34 0.62
CA PHE B 30 -16.32 3.54 -0.21
C PHE B 30 -16.84 3.30 -1.62
N ALA B 31 -17.01 2.03 -1.98
CA ALA B 31 -17.59 1.73 -3.30
C ALA B 31 -18.96 2.35 -3.55
N ARG B 32 -19.71 2.64 -2.48
CA ARG B 32 -21.02 3.26 -2.69
C ARG B 32 -20.94 4.67 -3.31
N TYR B 33 -19.75 5.28 -3.27
CA TYR B 33 -19.55 6.65 -3.75
C TYR B 33 -18.87 6.71 -5.09
N GLY B 34 -18.31 5.60 -5.53
CA GLY B 34 -17.59 5.64 -6.80
C GLY B 34 -16.66 4.49 -6.99
N SER B 35 -15.79 4.64 -8.00
CA SER B 35 -14.82 3.62 -8.37
C SER B 35 -13.54 4.05 -7.68
N VAL B 36 -13.12 3.26 -6.68
CA VAL B 36 -11.90 3.59 -5.93
C VAL B 36 -10.64 3.32 -6.76
N LYS B 37 -9.77 4.34 -6.85
CA LYS B 37 -8.54 4.31 -7.64
C LYS B 37 -7.36 3.85 -6.79
N GLU B 38 -7.37 4.22 -5.51
CA GLU B 38 -6.25 3.96 -4.59
C GLU B 38 -6.72 3.94 -3.15
N VAL B 39 -6.22 2.98 -2.38
CA VAL B 39 -6.28 3.03 -0.93
C VAL B 39 -4.82 3.04 -0.50
N LYS B 40 -4.43 4.09 0.19
CA LYS B 40 -3.04 4.21 0.65
C LYS B 40 -3.03 4.37 2.16
N ILE B 41 -2.60 3.31 2.85
CA ILE B 41 -2.47 3.33 4.30
CA ILE B 41 -2.48 3.33 4.31
C ILE B 41 -1.07 3.80 4.63
N ILE B 42 -0.97 4.84 5.45
CA ILE B 42 0.31 5.39 5.84
C ILE B 42 0.93 4.53 6.90
N THR B 43 2.19 4.18 6.67
CA THR B 43 2.87 3.33 7.64
C THR B 43 4.14 4.02 8.17
N ASP B 44 4.66 3.54 9.28
CA ASP B 44 5.97 4.01 9.78
C ASP B 44 7.08 3.23 9.09
N ARG B 45 8.33 3.56 9.43
CA ARG B 45 9.46 2.95 8.76
CA ARG B 45 9.48 2.96 8.80
C ARG B 45 9.58 1.45 8.94
N THR B 46 8.95 0.89 9.96
CA THR B 46 8.96 -0.56 10.10
C THR B 46 7.81 -1.29 9.40
N GLY B 47 6.90 -0.53 8.83
CA GLY B 47 5.79 -1.12 8.06
C GLY B 47 4.49 -1.10 8.79
N VAL B 48 4.50 -0.62 10.03
CA VAL B 48 3.32 -0.69 10.89
C VAL B 48 2.42 0.51 10.54
N SER B 49 1.16 0.24 10.22
CA SER B 49 0.16 1.29 10.02
C SER B 49 0.14 2.38 11.11
N LYS B 50 0.06 3.64 10.68
CA LYS B 50 -0.13 4.78 11.58
C LYS B 50 -1.62 4.95 11.92
N GLY B 51 -2.48 4.10 11.36
CA GLY B 51 -3.93 4.12 11.69
C GLY B 51 -4.71 5.11 10.84
N TYR B 52 -4.09 5.63 9.80
CA TYR B 52 -4.83 6.46 8.87
C TYR B 52 -4.32 6.29 7.45
N GLY B 53 -5.12 6.76 6.51
CA GLY B 53 -4.82 6.60 5.08
C GLY B 53 -5.77 7.38 4.21
N PHE B 54 -5.62 7.19 2.88
CA PHE B 54 -6.26 8.02 1.92
C PHE B 54 -6.93 7.17 0.88
N VAL B 55 -8.19 7.48 0.63
CA VAL B 55 -8.96 6.77 -0.38
C VAL B 55 -9.24 7.75 -1.51
N SER B 56 -8.88 7.42 -2.76
CA SER B 56 -9.16 8.33 -3.87
CA SER B 56 -9.09 8.29 -3.92
C SER B 56 -10.00 7.60 -4.92
N PHE B 57 -10.70 8.41 -5.69
CA PHE B 57 -11.66 7.90 -6.68
C PHE B 57 -11.30 8.31 -8.11
N TYR B 58 -11.68 7.48 -9.08
CA TYR B 58 -11.59 7.83 -10.49
C TYR B 58 -12.64 8.87 -10.90
N ASN B 59 -13.84 8.73 -10.34
CA ASN B 59 -14.94 9.64 -10.57
C ASN B 59 -14.89 10.89 -9.70
N ASP B 60 -15.58 11.93 -10.15
CA ASP B 60 -15.73 13.11 -9.28
C ASP B 60 -16.69 12.75 -8.15
N VAL B 61 -16.23 12.94 -6.92
CA VAL B 61 -17.09 12.74 -5.78
C VAL B 61 -17.24 14.06 -5.03
N ASP B 62 -18.27 14.12 -4.19
CA ASP B 62 -18.50 15.25 -3.29
C ASP B 62 -17.88 14.93 -1.93
N VAL B 63 -16.62 15.34 -1.75
CA VAL B 63 -15.90 14.96 -0.53
C VAL B 63 -16.63 15.48 0.70
N GLN B 64 -17.23 16.67 0.58
CA GLN B 64 -17.92 17.28 1.72
C GLN B 64 -19.09 16.39 2.16
N LYS B 65 -19.79 15.76 1.20
CA LYS B 65 -20.80 14.80 1.59
C LYS B 65 -20.24 13.49 2.13
N ILE B 66 -19.21 12.91 1.50
CA ILE B 66 -18.66 11.67 2.00
C ILE B 66 -18.22 11.85 3.47
N VAL B 67 -17.60 12.97 3.77
CA VAL B 67 -17.04 13.11 5.13
C VAL B 67 -18.11 13.18 6.24
N GLU B 68 -19.37 13.41 5.83
CA GLU B 68 -20.51 13.46 6.78
C GLU B 68 -20.96 12.09 7.18
N SER B 69 -20.53 11.06 6.48
CA SER B 69 -21.09 9.74 6.71
C SER B 69 -20.56 9.03 7.97
N GLN B 70 -21.41 8.16 8.49
CA GLN B 70 -21.12 7.33 9.65
C GLN B 70 -20.71 5.97 9.15
N ILE B 71 -19.42 5.67 9.29
CA ILE B 71 -18.85 4.43 8.82
C ILE B 71 -18.29 3.74 10.07
N ASN B 72 -18.79 2.56 10.36
CA ASN B 72 -18.35 1.84 11.54
C ASN B 72 -17.79 0.51 11.11
N PHE B 73 -16.56 0.25 11.54
CA PHE B 73 -15.91 -1.05 11.33
C PHE B 73 -15.98 -1.84 12.64
N HIS B 74 -16.85 -2.85 12.69
CA HIS B 74 -17.02 -3.68 13.88
C HIS B 74 -17.14 -2.87 15.19
N GLY B 75 -17.91 -1.80 15.14
CA GLY B 75 -18.22 -1.03 16.35
C GLY B 75 -17.37 0.21 16.52
N LYS B 76 -16.29 0.34 15.74
CA LYS B 76 -15.41 1.52 15.83
C LYS B 76 -15.64 2.47 14.66
N LYS B 77 -15.90 3.74 14.96
CA LYS B 77 -16.24 4.71 13.94
C LYS B 77 -15.00 5.28 13.24
N LEU B 78 -15.01 5.32 11.91
CA LEU B 78 -13.92 5.94 11.13
C LEU B 78 -13.98 7.47 11.19
N LYS B 79 -12.81 8.09 11.31
CA LYS B 79 -12.71 9.56 11.30
C LYS B 79 -12.44 10.00 9.90
N LEU B 80 -13.30 10.87 9.37
CA LEU B 80 -13.13 11.27 8.00
C LEU B 80 -12.82 12.74 7.88
N GLY B 81 -12.09 13.07 6.83
CA GLY B 81 -11.92 14.47 6.50
C GLY B 81 -11.49 14.67 5.06
N PRO B 82 -11.54 15.92 4.57
CA PRO B 82 -10.86 16.22 3.29
C PRO B 82 -9.36 15.88 3.39
N ALA B 83 -8.78 15.51 2.26
CA ALA B 83 -7.37 15.13 2.22
C ALA B 83 -6.53 16.37 1.89
N ILE B 84 -5.52 16.64 2.72
CA ILE B 84 -4.64 17.82 2.54
C ILE B 84 -3.19 17.30 2.46
N ARG B 85 -2.44 17.82 1.49
CA ARG B 85 -1.00 17.56 1.40
C ARG B 85 -0.30 18.78 1.94
N LYS B 86 0.45 18.60 3.02
CA LYS B 86 1.15 19.72 3.64
C LYS B 86 2.35 20.08 2.78
N GLN B 87 2.64 21.37 2.65
C1 PEG E . -9.55 5.75 -16.06
O1 PEG E . -10.88 6.31 -16.10
C2 PEG E . -9.56 4.40 -15.33
O2 PEG E . -8.42 3.63 -15.73
C3 PEG E . -8.06 2.60 -14.81
C4 PEG E . -8.73 1.27 -15.19
O4 PEG E . -9.81 1.03 -14.28
#